data_7RT1
#
_entry.id   7RT1
#
_cell.length_a   39.733
_cell.length_b   51.839
_cell.length_c   89.840
_cell.angle_alpha   90.000
_cell.angle_beta   90.000
_cell.angle_gamma   90.000
#
_symmetry.space_group_name_H-M   'P 21 21 21'
#
loop_
_entity.id
_entity.type
_entity.pdbx_description
1 polymer 'Isoform 2B of GTPase KRas'
2 non-polymer "GUANOSINE-5'-DIPHOSPHATE"
3 non-polymer 'MAGNESIUM ION'
4 non-polymer 4-(4-[(1R,5S)-3,8-diazabicyclo[3.2.1]octan-3-yl]-8-fluoro-2-{[(2S)-1-methylpyrrolidin-2-yl]methoxy}pyrido[4,3-d]pyrimidin-7-yl)naphthalen-2-ol
5 water water
#
_entity_poly.entity_id   1
_entity_poly.type   'polypeptide(L)'
_entity_poly.pdbx_seq_one_letter_code
;GMTEYKLVVVGADGVGKSALTIQLIQNHFVDEYDPTIEDSYRKQVVIDGETSLLDILDTAGQEEYSAMRDQYMRTGEGFL
LVFAINNTKSFEDIHHYREQIKRVKDSEDVPMVLVGNKSDLPSRTVDTKQAQDLARSYGIPFIETSAKTRQGVDDAFYTL
VREIRKHKEK
;
_entity_poly.pdbx_strand_id   A
#
loop_
_chem_comp.id
_chem_comp.type
_chem_comp.name
_chem_comp.formula
7L8 non-polymer 4-(4-[(1R,5S)-3,8-diazabicyclo[3.2.1]octan-3-yl]-8-fluoro-2-{[(2S)-1-methylpyrrolidin-2-yl]methoxy}pyrido[4,3-d]pyrimidin-7-yl)naphthalen-2-ol 'C29 H31 F N6 O2'
GDP RNA linking GUANOSINE-5'-DIPHOSPHATE 'C10 H15 N5 O11 P2'
MG non-polymer 'MAGNESIUM ION' 'Mg 2'
#
# COMPACT_ATOMS: atom_id res chain seq x y z
N MET A 2 -12.95 4.40 18.71
CA MET A 2 -11.72 3.86 19.29
C MET A 2 -11.03 2.93 18.29
N THR A 3 -11.68 2.71 17.14
CA THR A 3 -11.23 1.74 16.12
C THR A 3 -9.87 2.13 15.55
N GLU A 4 -8.98 1.17 15.49
CA GLU A 4 -7.66 1.37 14.95
C GLU A 4 -7.41 0.34 13.87
N TYR A 5 -6.69 0.75 12.84
CA TYR A 5 -6.29 -0.14 11.76
C TYR A 5 -4.79 -0.05 11.57
N LYS A 6 -4.09 -1.19 11.56
CA LYS A 6 -2.66 -1.22 11.25
C LYS A 6 -2.51 -1.51 9.76
N LEU A 7 -1.97 -0.56 9.05
CA LEU A 7 -1.79 -0.64 7.60
C LEU A 7 -0.31 -0.66 7.29
N VAL A 8 0.06 -1.38 6.23
CA VAL A 8 1.47 -1.44 5.82
C VAL A 8 1.55 -1.15 4.33
N VAL A 9 2.49 -0.30 3.95
CA VAL A 9 2.71 0.08 2.55
C VAL A 9 3.96 -0.63 2.07
N VAL A 10 3.81 -1.54 1.08
CA VAL A 10 4.92 -2.33 0.58
C VAL A 10 5.09 -2.11 -0.92
N GLY A 11 6.22 -2.61 -1.43
CA GLY A 11 6.58 -2.42 -2.82
C GLY A 11 8.05 -2.05 -2.96
N ALA A 12 8.49 -2.06 -4.21
CA ALA A 12 9.90 -1.83 -4.55
C ALA A 12 10.35 -0.42 -4.15
N ASP A 13 11.67 -0.25 -3.99
CA ASP A 13 12.20 1.10 -3.78
C ASP A 13 11.79 1.99 -4.95
N GLY A 14 11.40 3.22 -4.63
CA GLY A 14 11.19 4.23 -5.64
C GLY A 14 9.78 4.29 -6.19
N VAL A 15 8.86 3.43 -5.75
CA VAL A 15 7.52 3.44 -6.34
C VAL A 15 6.64 4.57 -5.81
N GLY A 16 7.01 5.18 -4.70
CA GLY A 16 6.26 6.25 -4.10
C GLY A 16 5.57 5.90 -2.78
N LYS A 17 6.03 4.85 -2.07
CA LYS A 17 5.43 4.51 -0.79
C LYS A 17 5.48 5.68 0.17
N SER A 18 6.65 6.32 0.31
CA SER A 18 6.75 7.44 1.26
C SER A 18 5.93 8.62 0.78
N ALA A 19 5.98 8.92 -0.52
CA ALA A 19 5.19 10.05 -1.03
C ALA A 19 3.70 9.82 -0.79
N LEU A 20 3.22 8.60 -1.01
CA LEU A 20 1.80 8.32 -0.73
C LEU A 20 1.47 8.50 0.75
N THR A 21 2.32 7.94 1.62
CA THR A 21 2.10 8.02 3.06
C THR A 21 2.07 9.46 3.52
N ILE A 22 3.03 10.27 3.05
CA ILE A 22 3.10 11.66 3.47
C ILE A 22 1.95 12.48 2.90
N GLN A 23 1.45 12.15 1.70
CA GLN A 23 0.22 12.83 1.27
C GLN A 23 -0.90 12.58 2.25
N LEU A 24 -1.07 11.35 2.71
CA LEU A 24 -2.15 11.08 3.63
C LEU A 24 -1.90 11.76 4.97
N ILE A 25 -0.66 11.70 5.47
CA ILE A 25 -0.41 12.23 6.81
C ILE A 25 -0.38 13.77 6.79
N GLN A 26 0.27 14.39 5.79
CA GLN A 26 0.54 15.83 5.77
C GLN A 26 -0.13 16.61 4.66
N ASN A 27 -0.79 15.97 3.70
CA ASN A 27 -1.57 16.68 2.69
C ASN A 27 -0.68 17.49 1.76
N HIS A 28 0.54 17.03 1.54
CA HIS A 28 1.36 17.61 0.47
C HIS A 28 2.28 16.54 -0.10
N PHE A 29 2.88 16.89 -1.23
CA PHE A 29 3.78 16.01 -1.93
C PHE A 29 5.17 16.35 -1.48
N VAL A 30 5.81 15.39 -0.82
CA VAL A 30 7.21 15.48 -0.45
C VAL A 30 7.98 14.79 -1.57
N ASP A 31 8.83 15.54 -2.24
CA ASP A 31 9.50 15.08 -3.45
C ASP A 31 10.64 14.11 -3.16
N GLU A 32 11.31 14.23 -2.01
CA GLU A 32 12.54 13.47 -1.76
C GLU A 32 12.66 13.01 -0.30
N TYR A 33 11.69 12.25 0.19
CA TYR A 33 11.73 11.72 1.54
C TYR A 33 12.84 10.66 1.61
N ASP A 34 13.60 10.69 2.69
CA ASP A 34 14.78 9.83 2.81
C ASP A 34 14.49 8.39 2.33
N PRO A 35 15.16 7.91 1.27
CA PRO A 35 14.75 6.63 0.67
C PRO A 35 15.01 5.41 1.54
N THR A 36 15.91 5.53 2.53
CA THR A 36 16.35 4.41 3.35
C THR A 36 15.48 4.20 4.58
N ILE A 37 14.62 5.16 4.92
CA ILE A 37 14.00 5.20 6.25
C ILE A 37 12.63 4.54 6.24
N GLU A 38 12.50 3.53 7.11
CA GLU A 38 11.22 2.88 7.42
C GLU A 38 10.68 3.53 8.70
N ASP A 39 9.46 4.07 8.64
CA ASP A 39 8.89 4.79 9.78
C ASP A 39 7.39 4.61 9.70
N SER A 40 6.70 4.99 10.77
CA SER A 40 5.25 4.85 10.85
C SER A 40 4.65 6.13 11.38
N TYR A 41 3.36 6.29 11.09
CA TYR A 41 2.61 7.51 11.35
C TYR A 41 1.17 7.11 11.65
N ARG A 42 0.57 7.67 12.69
CA ARG A 42 -0.85 7.45 12.96
C ARG A 42 -1.62 8.71 12.61
N LYS A 43 -2.83 8.54 12.07
CA LYS A 43 -3.72 9.66 11.77
C LYS A 43 -5.16 9.28 12.01
N GLN A 44 -5.87 10.20 12.63
CA GLN A 44 -7.29 10.05 12.86
C GLN A 44 -8.07 10.54 11.64
N VAL A 45 -8.99 9.70 11.16
CA VAL A 45 -9.77 9.94 9.96
C VAL A 45 -11.20 9.55 10.25
N VAL A 46 -12.13 10.02 9.44
CA VAL A 46 -13.49 9.54 9.45
C VAL A 46 -13.75 8.98 8.06
N ILE A 47 -14.13 7.70 8.01
CA ILE A 47 -14.34 6.96 6.76
C ILE A 47 -15.74 6.35 6.84
N ASP A 48 -16.63 6.77 5.95
CA ASP A 48 -17.99 6.31 5.94
C ASP A 48 -18.61 6.51 7.31
N GLY A 49 -18.31 7.63 7.94
CA GLY A 49 -18.93 7.98 9.20
C GLY A 49 -18.25 7.39 10.43
N GLU A 50 -17.28 6.50 10.26
CA GLU A 50 -16.59 5.85 11.37
C GLU A 50 -15.27 6.55 11.65
N THR A 51 -15.09 7.01 12.88
CA THR A 51 -13.82 7.57 13.27
C THR A 51 -12.82 6.44 13.46
N SER A 52 -11.68 6.56 12.82
CA SER A 52 -10.69 5.50 12.78
C SER A 52 -9.33 6.10 13.09
N LEU A 53 -8.44 5.32 13.68
CA LEU A 53 -7.04 5.69 13.76
C LEU A 53 -6.30 4.78 12.76
N LEU A 54 -5.69 5.37 11.75
CA LEU A 54 -4.88 4.60 10.79
C LEU A 54 -3.42 4.67 11.23
N ASP A 55 -2.83 3.54 11.52
CA ASP A 55 -1.43 3.43 11.99
C ASP A 55 -0.67 2.78 10.84
N ILE A 56 0.10 3.59 10.12
CA ILE A 56 0.64 3.22 8.81
C ILE A 56 2.14 3.05 8.87
N LEU A 57 2.61 1.89 8.45
CA LEU A 57 4.03 1.58 8.34
C LEU A 57 4.45 1.76 6.89
N ASP A 58 5.40 2.68 6.67
CA ASP A 58 5.97 2.97 5.35
C ASP A 58 7.30 2.22 5.28
N THR A 59 7.27 1.07 4.58
CA THR A 59 8.44 0.18 4.60
C THR A 59 9.60 0.72 3.77
N ALA A 60 10.81 0.30 4.14
CA ALA A 60 12.02 0.76 3.46
C ALA A 60 13.19 -0.07 3.95
N GLY A 61 14.37 0.16 3.39
CA GLY A 61 15.62 -0.28 4.01
C GLY A 61 16.11 -1.58 3.39
N GLN A 62 16.98 -2.27 4.14
CA GLN A 62 17.60 -3.48 3.62
C GLN A 62 16.61 -4.60 3.49
N GLU A 63 16.81 -5.44 2.49
CA GLU A 63 16.04 -6.67 2.38
C GLU A 63 16.56 -7.62 3.44
N GLU A 64 15.76 -7.91 4.44
CA GLU A 64 16.13 -8.84 5.49
C GLU A 64 14.84 -9.45 6.01
N TYR A 65 14.97 -10.67 6.54
CA TYR A 65 13.86 -11.50 6.97
C TYR A 65 14.03 -11.98 8.40
N SER A 66 14.40 -11.10 9.32
CA SER A 66 14.57 -11.54 10.72
C SER A 66 13.22 -11.98 11.33
N ALA A 67 13.30 -12.74 12.44
CA ALA A 67 12.09 -13.17 13.16
C ALA A 67 11.32 -11.95 13.67
N MET A 68 12.05 -10.92 14.10
CA MET A 68 11.40 -9.71 14.57
C MET A 68 10.59 -9.08 13.44
N ARG A 69 11.18 -9.00 12.25
CA ARG A 69 10.44 -8.39 11.13
C ARG A 69 9.20 -9.21 10.73
N ASP A 70 9.32 -10.55 10.69
CA ASP A 70 8.11 -11.33 10.43
C ASP A 70 7.05 -11.01 11.48
N GLN A 71 7.47 -10.87 12.76
CA GLN A 71 6.54 -10.62 13.85
C GLN A 71 5.81 -9.30 13.68
N TYR A 72 6.54 -8.20 13.46
CA TYR A 72 5.79 -6.95 13.37
C TYR A 72 5.04 -6.85 12.03
N MET A 73 5.59 -7.40 10.92
CA MET A 73 4.84 -7.38 9.67
C MET A 73 3.52 -8.13 9.81
N ARG A 74 3.50 -9.23 10.57
CA ARG A 74 2.31 -10.04 10.77
C ARG A 74 1.21 -9.28 11.53
N THR A 75 1.57 -8.24 12.28
CA THR A 75 0.54 -7.42 12.93
C THR A 75 -0.20 -6.50 11.96
N GLY A 76 0.30 -6.32 10.73
CA GLY A 76 -0.46 -5.54 9.75
C GLY A 76 -1.79 -6.18 9.45
N GLU A 77 -2.84 -5.36 9.40
CA GLU A 77 -4.18 -5.83 9.10
C GLU A 77 -4.52 -5.70 7.64
N GLY A 78 -3.88 -4.78 6.95
CA GLY A 78 -4.09 -4.63 5.52
C GLY A 78 -2.84 -4.04 4.90
N PHE A 79 -2.63 -4.31 3.61
CA PHE A 79 -1.41 -3.95 2.93
C PHE A 79 -1.71 -3.27 1.61
N LEU A 80 -1.04 -2.16 1.33
CA LEU A 80 -1.02 -1.58 0.00
C LEU A 80 0.15 -2.20 -0.76
N LEU A 81 -0.14 -2.81 -1.91
CA LEU A 81 0.88 -3.39 -2.82
C LEU A 81 1.15 -2.32 -3.87
N VAL A 82 2.19 -1.53 -3.69
CA VAL A 82 2.44 -0.39 -4.56
C VAL A 82 3.46 -0.72 -5.64
N PHE A 83 3.12 -0.41 -6.89
CA PHE A 83 4.08 -0.34 -7.98
C PHE A 83 3.92 1.00 -8.66
N ALA A 84 4.83 1.31 -9.59
CA ALA A 84 4.73 2.54 -10.36
C ALA A 84 4.47 2.20 -11.81
N ILE A 85 3.56 2.96 -12.45
CA ILE A 85 3.12 2.60 -13.79
C ILE A 85 4.15 2.82 -14.87
N ASN A 86 5.25 3.48 -14.54
CA ASN A 86 6.37 3.68 -15.44
C ASN A 86 7.51 2.71 -15.19
N ASN A 87 7.32 1.67 -14.36
CA ASN A 87 8.45 0.84 -13.93
C ASN A 87 7.96 -0.62 -13.89
N THR A 88 8.21 -1.35 -14.98
CA THR A 88 7.75 -2.73 -15.09
C THR A 88 8.36 -3.62 -14.02
N LYS A 89 9.62 -3.39 -13.65
CA LYS A 89 10.24 -4.22 -12.63
C LYS A 89 9.46 -4.10 -11.32
N SER A 90 8.99 -2.90 -11.01
CA SER A 90 8.24 -2.72 -9.75
C SER A 90 6.94 -3.51 -9.78
N PHE A 91 6.28 -3.59 -10.95
CA PHE A 91 5.08 -4.39 -11.09
C PHE A 91 5.39 -5.87 -10.94
N GLU A 92 6.53 -6.29 -11.52
CA GLU A 92 6.93 -7.68 -11.42
C GLU A 92 7.24 -8.09 -9.99
N ASP A 93 7.61 -7.17 -9.11
CA ASP A 93 7.89 -7.48 -7.71
C ASP A 93 6.65 -7.66 -6.86
N ILE A 94 5.46 -7.30 -7.37
CA ILE A 94 4.24 -7.39 -6.57
C ILE A 94 4.03 -8.81 -6.07
N HIS A 95 4.25 -9.81 -6.93
CA HIS A 95 4.05 -11.20 -6.53
C HIS A 95 4.83 -11.50 -5.25
N HIS A 96 6.11 -11.13 -5.21
CA HIS A 96 6.94 -11.38 -4.04
C HIS A 96 6.32 -10.78 -2.78
N TYR A 97 5.92 -9.49 -2.82
CA TYR A 97 5.38 -8.86 -1.61
C TYR A 97 4.09 -9.55 -1.19
N ARG A 98 3.22 -9.88 -2.14
CA ARG A 98 1.99 -10.58 -1.79
C ARG A 98 2.29 -11.92 -1.14
N GLU A 99 3.29 -12.66 -1.66
CA GLU A 99 3.62 -13.96 -1.06
C GLU A 99 4.22 -13.82 0.33
N GLN A 100 5.02 -12.77 0.57
CA GLN A 100 5.58 -12.61 1.91
C GLN A 100 4.50 -12.25 2.91
N ILE A 101 3.52 -11.46 2.51
CA ILE A 101 2.37 -11.17 3.36
C ILE A 101 1.62 -12.45 3.70
N LYS A 102 1.29 -13.24 2.67
CA LYS A 102 0.58 -14.51 2.90
C LYS A 102 1.38 -15.43 3.80
N ARG A 103 2.71 -15.42 3.65
CA ARG A 103 3.58 -16.28 4.44
C ARG A 103 3.50 -15.90 5.92
N VAL A 104 3.63 -14.62 6.24
CA VAL A 104 3.68 -14.24 7.66
C VAL A 104 2.29 -14.25 8.29
N LYS A 105 1.24 -14.00 7.53
CA LYS A 105 -0.11 -13.97 8.07
C LYS A 105 -0.72 -15.35 8.12
N ASP A 106 -0.10 -16.31 7.46
CA ASP A 106 -0.54 -17.69 7.42
C ASP A 106 -1.98 -17.78 6.92
N SER A 107 -2.23 -17.07 5.82
CA SER A 107 -3.57 -16.99 5.28
C SER A 107 -3.50 -16.65 3.81
N GLU A 108 -4.43 -17.24 3.04
CA GLU A 108 -4.67 -16.93 1.65
C GLU A 108 -5.56 -15.71 1.48
N ASP A 109 -6.15 -15.21 2.58
CA ASP A 109 -7.13 -14.11 2.55
C ASP A 109 -6.66 -13.02 3.51
N VAL A 110 -5.86 -12.09 3.00
CA VAL A 110 -5.37 -10.95 3.75
C VAL A 110 -5.85 -9.70 3.02
N PRO A 111 -6.41 -8.70 3.71
CA PRO A 111 -6.84 -7.47 3.04
C PRO A 111 -5.64 -6.80 2.36
N MET A 112 -5.78 -6.54 1.06
CA MET A 112 -4.76 -5.89 0.25
C MET A 112 -5.43 -5.07 -0.83
N VAL A 113 -4.73 -4.03 -1.27
CA VAL A 113 -5.15 -3.24 -2.42
C VAL A 113 -3.94 -3.06 -3.31
N LEU A 114 -4.12 -3.29 -4.62
CA LEU A 114 -3.04 -3.05 -5.58
C LEU A 114 -3.09 -1.57 -5.96
N VAL A 115 -1.93 -0.89 -5.89
CA VAL A 115 -1.87 0.56 -6.13
C VAL A 115 -0.87 0.81 -7.25
N GLY A 116 -1.36 1.42 -8.35
CA GLY A 116 -0.51 1.80 -9.46
C GLY A 116 -0.23 3.28 -9.34
N ASN A 117 0.94 3.63 -8.80
CA ASN A 117 1.28 5.01 -8.53
C ASN A 117 2.02 5.66 -9.73
N LYS A 118 2.19 6.97 -9.63
CA LYS A 118 2.83 7.81 -10.66
C LYS A 118 1.96 7.89 -11.90
N SER A 119 0.65 7.89 -11.69
CA SER A 119 -0.29 7.94 -12.82
CA SER A 119 -0.29 7.94 -12.82
C SER A 119 -0.27 9.27 -13.54
N ASP A 120 0.36 10.29 -12.98
CA ASP A 120 0.55 11.57 -13.67
C ASP A 120 1.60 11.50 -14.78
N LEU A 121 2.44 10.47 -14.81
CA LEU A 121 3.58 10.42 -15.74
C LEU A 121 3.19 9.83 -17.09
N PRO A 122 3.74 10.37 -18.19
CA PRO A 122 3.38 9.85 -19.53
C PRO A 122 4.09 8.57 -19.93
N SER A 123 5.19 8.21 -19.26
CA SER A 123 6.08 7.13 -19.66
C SER A 123 5.57 5.78 -19.13
N ARG A 124 4.32 5.46 -19.48
CA ARG A 124 3.66 4.28 -18.94
C ARG A 124 4.24 3.02 -19.59
N THR A 125 4.59 2.04 -18.77
CA THR A 125 5.00 0.74 -19.27
C THR A 125 4.21 -0.40 -18.67
N VAL A 126 3.33 -0.13 -17.70
CA VAL A 126 2.42 -1.13 -17.17
C VAL A 126 1.02 -0.68 -17.56
N ASP A 127 0.35 -1.49 -18.39
CA ASP A 127 -0.98 -1.09 -18.81
C ASP A 127 -1.97 -1.23 -17.67
N THR A 128 -2.99 -0.36 -17.66
CA THR A 128 -4.07 -0.53 -16.70
C THR A 128 -4.66 -1.94 -16.76
N LYS A 129 -4.82 -2.50 -17.96
CA LYS A 129 -5.37 -3.86 -18.08
C LYS A 129 -4.48 -4.91 -17.40
N GLN A 130 -3.15 -4.77 -17.50
CA GLN A 130 -2.28 -5.71 -16.80
C GLN A 130 -2.54 -5.67 -15.31
N ALA A 131 -2.64 -4.45 -14.75
CA ALA A 131 -2.87 -4.31 -13.32
C ALA A 131 -4.25 -4.82 -12.93
N GLN A 132 -5.28 -4.53 -13.75
CA GLN A 132 -6.61 -5.03 -13.45
C GLN A 132 -6.64 -6.55 -13.47
N ASP A 133 -5.94 -7.17 -14.44
CA ASP A 133 -5.93 -8.63 -14.50
C ASP A 133 -5.23 -9.21 -13.28
N LEU A 134 -4.16 -8.59 -12.84
CA LEU A 134 -3.46 -9.11 -11.68
C LEU A 134 -4.33 -8.98 -10.44
N ALA A 135 -4.88 -7.78 -10.21
CA ALA A 135 -5.75 -7.58 -9.05
C ALA A 135 -6.92 -8.56 -9.08
N ARG A 136 -7.51 -8.77 -10.27
CA ARG A 136 -8.62 -9.71 -10.37
C ARG A 136 -8.16 -11.10 -9.96
N SER A 137 -6.98 -11.52 -10.41
CA SER A 137 -6.48 -12.85 -10.07
C SER A 137 -6.27 -13.00 -8.58
N TYR A 138 -5.92 -11.90 -7.88
CA TYR A 138 -5.73 -11.93 -6.44
C TYR A 138 -7.03 -11.71 -5.67
N GLY A 139 -8.11 -11.32 -6.32
CA GLY A 139 -9.35 -11.05 -5.63
C GLY A 139 -9.34 -9.73 -4.86
N ILE A 140 -8.58 -8.73 -5.31
CA ILE A 140 -8.42 -7.48 -4.55
C ILE A 140 -8.69 -6.27 -5.44
N PRO A 141 -8.97 -5.11 -4.85
CA PRO A 141 -9.15 -3.89 -5.65
C PRO A 141 -7.82 -3.40 -6.25
N PHE A 142 -7.96 -2.66 -7.35
CA PHE A 142 -6.88 -1.91 -7.98
C PHE A 142 -7.24 -0.44 -8.00
N ILE A 143 -6.34 0.43 -7.52
CA ILE A 143 -6.53 1.88 -7.47
C ILE A 143 -5.31 2.53 -8.13
N GLU A 144 -5.56 3.45 -9.07
CA GLU A 144 -4.54 4.26 -9.70
C GLU A 144 -4.32 5.52 -8.88
N THR A 145 -3.06 5.85 -8.59
CA THR A 145 -2.79 7.02 -7.78
C THR A 145 -1.71 7.88 -8.42
N SER A 146 -1.66 9.14 -7.97
CA SER A 146 -0.49 10.00 -8.15
C SER A 146 -0.23 10.63 -6.79
N ALA A 147 0.86 10.26 -6.12
CA ALA A 147 1.26 10.98 -4.93
C ALA A 147 1.58 12.43 -5.26
N LYS A 148 2.02 12.71 -6.50
CA LYS A 148 2.39 14.08 -6.87
C LYS A 148 1.18 15.01 -6.81
N THR A 149 0.05 14.60 -7.37
CA THR A 149 -1.13 15.46 -7.44
C THR A 149 -2.16 15.13 -6.37
N ARG A 150 -1.94 14.03 -5.62
CA ARG A 150 -2.84 13.48 -4.62
C ARG A 150 -4.00 12.69 -5.25
N GLN A 151 -4.05 12.54 -6.56
CA GLN A 151 -5.11 11.75 -7.17
C GLN A 151 -5.13 10.35 -6.57
N GLY A 152 -6.30 9.90 -6.12
CA GLY A 152 -6.46 8.52 -5.67
C GLY A 152 -5.92 8.18 -4.30
N VAL A 153 -5.22 9.08 -3.63
CA VAL A 153 -4.54 8.71 -2.37
C VAL A 153 -5.55 8.29 -1.31
N ASP A 154 -6.52 9.16 -1.02
CA ASP A 154 -7.51 8.78 -0.03
C ASP A 154 -8.22 7.51 -0.46
N ASP A 155 -8.57 7.41 -1.73
CA ASP A 155 -9.26 6.21 -2.20
C ASP A 155 -8.46 4.95 -1.89
N ALA A 156 -7.16 4.97 -2.12
CA ALA A 156 -6.36 3.77 -1.87
C ALA A 156 -6.40 3.37 -0.40
N PHE A 157 -6.16 4.33 0.53
CA PHE A 157 -6.17 3.99 1.95
C PHE A 157 -7.57 3.63 2.43
N TYR A 158 -8.57 4.39 2.00
CA TYR A 158 -9.92 4.13 2.50
C TYR A 158 -10.46 2.82 1.93
N THR A 159 -10.12 2.51 0.68
CA THR A 159 -10.50 1.20 0.13
C THR A 159 -9.86 0.08 0.94
N LEU A 160 -8.61 0.23 1.36
CA LEU A 160 -7.99 -0.79 2.19
C LEU A 160 -8.73 -0.96 3.52
N VAL A 161 -9.11 0.15 4.15
CA VAL A 161 -9.95 0.04 5.37
C VAL A 161 -11.23 -0.73 5.09
N ARG A 162 -11.91 -0.44 3.95
CA ARG A 162 -13.13 -1.15 3.64
C ARG A 162 -12.87 -2.63 3.42
N GLU A 163 -11.72 -2.99 2.85
CA GLU A 163 -11.35 -4.39 2.71
C GLU A 163 -11.14 -5.06 4.07
N ILE A 164 -10.55 -4.33 5.02
CA ILE A 164 -10.37 -4.90 6.36
C ILE A 164 -11.73 -5.14 7.01
N ARG A 165 -12.65 -4.16 6.88
CA ARG A 165 -13.99 -4.35 7.42
C ARG A 165 -14.67 -5.58 6.83
N LYS A 166 -14.57 -5.77 5.52
CA LYS A 166 -15.19 -6.95 4.92
C LYS A 166 -14.54 -8.21 5.48
N HIS A 167 -13.21 -8.20 5.65
CA HIS A 167 -12.54 -9.39 6.18
C HIS A 167 -13.03 -9.72 7.56
N LYS A 168 -13.21 -8.72 8.42
CA LYS A 168 -13.65 -8.95 9.79
C LYS A 168 -15.00 -9.63 9.84
N GLU A 169 -15.89 -9.37 8.88
CA GLU A 169 -17.23 -9.95 8.92
C GLU A 169 -17.37 -11.25 8.11
N LYS A 170 -16.31 -11.78 7.51
CA LYS A 170 -16.36 -13.08 6.81
C LYS A 170 -16.64 -14.25 7.75
PB GDP B . 9.64 4.95 -1.99
O1B GDP B . 11.06 4.52 -2.18
O2B GDP B . 8.67 3.90 -2.47
O3B GDP B . 9.32 5.49 -0.63
O3A GDP B . 9.36 6.16 -3.04
PA GDP B . 9.48 7.75 -2.77
O1A GDP B . 10.80 8.01 -2.14
O2A GDP B . 8.25 8.28 -2.12
O5' GDP B . 9.49 8.30 -4.28
C5' GDP B . 10.53 7.96 -5.20
C4' GDP B . 10.66 9.03 -6.25
O4' GDP B . 9.47 9.08 -7.08
C3' GDP B . 10.84 10.45 -5.72
O3' GDP B . 11.68 11.16 -6.64
C2' GDP B . 9.42 10.99 -5.74
O2' GDP B . 9.35 12.40 -5.90
C1' GDP B . 8.85 10.35 -6.97
N9 GDP B . 7.40 10.13 -6.90
C8 GDP B . 6.74 9.44 -5.92
N7 GDP B . 5.43 9.37 -6.21
C5 GDP B . 5.26 10.03 -7.39
C6 GDP B . 4.12 10.29 -8.26
O6 GDP B . 2.96 9.90 -7.99
N1 GDP B . 4.42 10.96 -9.37
C2 GDP B . 5.66 11.39 -9.74
N2 GDP B . 5.75 12.08 -10.88
N3 GDP B . 6.74 11.19 -8.98
C4 GDP B . 6.53 10.50 -7.85
MG MG C . 10.37 5.56 1.15
N1 7L8 D . 11.38 -6.80 3.85
C4 7L8 D . 12.14 -6.39 1.59
C5 7L8 D . 12.11 -6.12 2.99
C7 7L8 D . 12.34 -7.29 -0.91
C10 7L8 D . 9.81 -8.56 4.37
C15 7L8 D . 14.19 -2.74 -0.74
C17 7L8 D . 12.61 -2.21 0.87
C20 7L8 D . 12.82 -2.90 -1.45
C21 7L8 D . 13.30 -7.11 -3.11
C22 7L8 D . 13.48 -8.13 -4.31
C24 7L8 D . 13.25 -10.46 -3.77
C26 7L8 D . 12.12 -8.66 -4.84
C11 7L8 D . 10.65 -8.16 2.07
C14 7L8 D . 14.65 -4.01 -0.01
C18 7L8 D . 12.89 -3.47 1.73
C19 7L8 D . 11.76 -2.53 -0.37
C2 7L8 D . 10.57 -7.80 3.41
C25 7L8 D . 12.28 -10.20 -4.94
C27 7L8 D . 15.38 -9.69 -4.72
C29 7L8 D . 10.48 -9.21 5.39
C3 7L8 D . 11.45 -7.50 1.14
C30 7L8 D . 9.82 -10.01 6.34
C31 7L8 D . 8.46 -10.18 6.29
C32 7L8 D . 7.72 -9.52 5.26
C33 7L8 D . 8.39 -8.71 4.31
C34 7L8 D . 6.29 -9.62 5.19
C35 7L8 D . 5.58 -8.97 4.21
C36 7L8 D . 6.25 -8.17 3.29
C37 7L8 D . 7.61 -8.06 3.31
C9 7L8 D . 12.93 -5.73 0.63
F28 7L8 D . 9.88 -9.19 1.60
N13 7L8 D . 13.58 -4.54 0.92
N16 7L8 D . 13.88 -1.69 0.29
N23 7L8 D . 14.23 -9.35 -3.84
N6 7L8 D . 11.53 -7.95 -0.15
N8 7L8 D . 13.05 -6.20 -0.60
O12 7L8 D . 12.48 -7.81 -2.14
O38 7L8 D . 10.58 -10.58 7.29
N1 7L8 E . 5.44 -2.11 15.41
C4 7L8 E . 7.79 -2.79 15.56
C5 7L8 E . 6.45 -2.69 16.03
C7 7L8 E . 10.27 -2.59 14.49
C10 7L8 E . 4.56 -0.78 13.64
C15 7L8 E . 7.80 -6.11 18.50
C17 7L8 E . 10.07 -6.11 18.46
C20 7L8 E . 8.16 -7.13 17.40
C21 7L8 E . 12.59 -3.16 14.52
C22 7L8 E . 13.87 -2.32 14.44
C24 7L8 E . 14.05 -0.13 13.59
C26 7L8 E . 13.71 -1.31 15.58
C11 7L8 E . 6.95 -1.49 13.75
C14 7L8 E . 7.71 -4.63 18.01
C18 7L8 E . 10.22 -4.65 17.91
C19 7L8 E . 9.68 -7.01 17.26
C2 7L8 E . 5.68 -1.51 14.23
C25 7L8 E . 14.54 -0.16 15.03
C27 7L8 E . 15.17 -2.03 12.49
C29 7L8 E . 4.39 0.55 14.07
C3 7L8 E . 8.06 -2.13 14.37
C30 7L8 E . 3.33 1.31 13.56
C31 7L8 E . 2.45 0.78 12.63
C32 7L8 E . 2.59 -0.55 12.21
C33 7L8 E . 3.66 -1.36 12.71
C34 7L8 E . 1.65 -1.06 11.27
C35 7L8 E . 1.78 -2.37 10.85
C36 7L8 E . 2.84 -3.17 11.34
C37 7L8 E . 3.77 -2.69 12.24
C9 7L8 E . 8.94 -3.39 16.16
F28 7L8 E . 7.18 -0.88 12.54
N13 7L8 E . 8.92 -4.17 17.29
N16 7L8 E . 8.95 -6.22 19.42
N23 7L8 E . 13.95 -1.55 13.20
N6 7L8 E . 9.31 -2.04 13.84
N8 7L8 E . 10.11 -3.26 15.63
O12 7L8 E . 11.47 -2.42 13.92
O38 7L8 E . 3.18 2.59 14.07
#